data_8DQ6
#
_entry.id   8DQ6
#
_cell.length_a   66.737
_cell.length_b   66.737
_cell.length_c   132.320
_cell.angle_alpha   90.00
_cell.angle_beta   90.00
_cell.angle_gamma   120.00
#
_symmetry.space_group_name_H-M   'P 65'
#
loop_
_entity.id
_entity.type
_entity.pdbx_description
1 polymer 'MIF/D-DT-like protein-1'
2 non-polymer 'CALCIUM ION'
3 water water
#
_entity_poly.entity_id   1
_entity_poly.type   'polypeptide(L)'
_entity_poly.pdbx_seq_one_letter_code
;PTLNLFTNIPVDAVTCSDILKDATKAVAKIIGKPESYVMILLNSGVPIAFAGTEEPAAYGELISIGGLGPGVNGKLSETI
SEILQIKLSIDSSRFYIKFYDSPRPFFGY
;
_entity_poly.pdbx_strand_id   A,B,C
#
# COMPACT_ATOMS: atom_id res chain seq x y z
N PRO A 1 14.41 2.38 6.78
CA PRO A 1 13.79 2.10 5.48
C PRO A 1 12.64 1.12 5.59
N THR A 2 11.74 1.17 4.62
CA THR A 2 10.62 0.24 4.56
C THR A 2 10.63 -0.48 3.22
N LEU A 3 10.28 -1.75 3.24
CA LEU A 3 10.02 -2.50 2.01
C LEU A 3 8.64 -3.09 2.12
N ASN A 4 7.73 -2.64 1.28
CA ASN A 4 6.32 -3.03 1.32
C ASN A 4 6.07 -3.92 0.10
N LEU A 5 5.95 -5.23 0.33
CA LEU A 5 5.82 -6.21 -0.74
C LEU A 5 4.38 -6.67 -0.87
N PHE A 6 3.96 -6.93 -2.11
CA PHE A 6 2.64 -7.48 -2.45
C PHE A 6 2.84 -8.63 -3.41
N THR A 7 2.17 -9.77 -3.17
CA THR A 7 2.25 -10.89 -4.09
C THR A 7 0.91 -11.60 -4.15
N ASN A 8 0.61 -12.21 -5.31
CA ASN A 8 -0.61 -12.99 -5.46
C ASN A 8 -0.46 -14.41 -4.96
N ILE A 9 0.74 -14.82 -4.61
CA ILE A 9 0.92 -16.13 -3.98
C ILE A 9 0.39 -16.06 -2.55
N PRO A 10 -0.42 -17.03 -2.10
CA PRO A 10 -0.72 -17.12 -0.66
C PRO A 10 0.45 -17.78 0.06
N VAL A 11 1.17 -16.99 0.84
CA VAL A 11 2.43 -17.43 1.44
C VAL A 11 2.15 -18.01 2.82
N ASP A 12 2.69 -19.21 3.09
CA ASP A 12 2.51 -19.80 4.41
C ASP A 12 3.40 -19.09 5.43
N ALA A 13 3.08 -19.29 6.70
CA ALA A 13 3.68 -18.47 7.77
C ALA A 13 5.19 -18.64 7.85
N VAL A 14 5.68 -19.87 7.66
CA VAL A 14 7.11 -20.13 7.79
C VAL A 14 7.88 -19.44 6.67
N THR A 15 7.39 -19.60 5.42
CA THR A 15 7.99 -18.92 4.28
C THR A 15 7.94 -17.41 4.45
N CYS A 16 6.84 -16.92 5.03
N CYS A 16 6.83 -16.92 5.00
CA CYS A 16 6.69 -15.46 5.22
CA CYS A 16 6.68 -15.45 5.23
C CYS A 16 7.79 -14.96 6.18
C CYS A 16 7.81 -14.99 6.17
N SER A 17 7.97 -15.66 7.30
CA SER A 17 9.02 -15.27 8.28
C SER A 17 10.39 -15.31 7.61
N ASP A 18 10.67 -16.36 6.84
CA ASP A 18 11.95 -16.43 6.13
C ASP A 18 12.17 -15.22 5.24
N ILE A 19 11.16 -14.85 4.45
CA ILE A 19 11.31 -13.71 3.55
C ILE A 19 11.54 -12.43 4.34
N LEU A 20 10.76 -12.24 5.42
CA LEU A 20 10.91 -11.03 6.21
C LEU A 20 12.31 -10.93 6.81
N LYS A 21 12.85 -12.06 7.28
CA LYS A 21 14.20 -12.08 7.84
C LYS A 21 15.25 -11.82 6.79
N ASP A 22 15.16 -12.52 5.65
CA ASP A 22 16.14 -12.32 4.58
C ASP A 22 16.12 -10.90 4.05
N ALA A 23 14.93 -10.33 3.87
CA ALA A 23 14.83 -8.97 3.36
C ALA A 23 15.35 -7.95 4.38
N THR A 24 15.07 -8.18 5.66
CA THR A 24 15.61 -7.30 6.69
C THR A 24 17.13 -7.22 6.61
N LYS A 25 17.79 -8.37 6.52
CA LYS A 25 19.23 -8.41 6.45
C LYS A 25 19.73 -7.73 5.19
N ALA A 26 19.08 -7.98 4.06
CA ALA A 26 19.55 -7.43 2.78
C ALA A 26 19.41 -5.91 2.75
N VAL A 27 18.28 -5.39 3.21
CA VAL A 27 18.06 -3.95 3.21
C VAL A 27 19.05 -3.27 4.15
N ALA A 28 19.23 -3.81 5.36
CA ALA A 28 20.14 -3.19 6.31
C ALA A 28 21.56 -3.17 5.78
N LYS A 29 22.02 -4.31 5.24
CA LYS A 29 23.39 -4.44 4.78
C LYS A 29 23.67 -3.55 3.57
N ILE A 30 22.78 -3.56 2.58
CA ILE A 30 23.09 -2.91 1.31
C ILE A 30 22.93 -1.39 1.40
N ILE A 31 21.92 -0.91 2.13
CA ILE A 31 21.78 0.53 2.30
C ILE A 31 22.75 1.04 3.35
N GLY A 32 23.07 0.22 4.35
CA GLY A 32 23.99 0.62 5.39
C GLY A 32 23.28 1.28 6.56
N LYS A 33 22.17 0.69 7.00
CA LYS A 33 21.43 1.20 8.15
C LYS A 33 21.19 0.06 9.13
N PRO A 34 21.11 0.35 10.42
CA PRO A 34 20.88 -0.71 11.41
C PRO A 34 19.50 -1.35 11.21
N GLU A 35 19.40 -2.62 11.60
CA GLU A 35 18.14 -3.34 11.46
C GLU A 35 17.03 -2.69 12.27
N SER A 36 17.36 -1.97 13.35
CA SER A 36 16.34 -1.30 14.15
C SER A 36 15.58 -0.24 13.35
N TYR A 37 16.08 0.16 12.17
CA TYR A 37 15.41 1.14 11.34
C TYR A 37 14.70 0.50 10.17
N VAL A 38 14.73 -0.82 10.05
CA VAL A 38 14.27 -1.52 8.84
C VAL A 38 12.95 -2.20 9.11
N MET A 39 11.93 -1.89 8.31
CA MET A 39 10.63 -2.55 8.38
C MET A 39 10.32 -3.23 7.05
N ILE A 40 9.92 -4.50 7.10
CA ILE A 40 9.51 -5.26 5.92
C ILE A 40 8.05 -5.67 6.12
N LEU A 41 7.23 -5.51 5.09
CA LEU A 41 5.84 -5.98 5.09
C LEU A 41 5.63 -6.95 3.93
N LEU A 42 4.86 -8.00 4.15
CA LEU A 42 4.54 -8.97 3.09
C LEU A 42 3.03 -9.14 3.00
N ASN A 43 2.42 -8.43 2.05
CA ASN A 43 1.00 -8.55 1.71
C ASN A 43 0.84 -9.72 0.75
N SER A 44 0.44 -10.88 1.23
CA SER A 44 0.31 -12.01 0.30
C SER A 44 -1.15 -12.34 0.02
N GLY A 45 -1.35 -13.21 -0.97
CA GLY A 45 -2.69 -13.53 -1.42
C GLY A 45 -3.43 -12.32 -1.96
N VAL A 46 -2.72 -11.38 -2.56
CA VAL A 46 -3.31 -10.21 -3.19
C VAL A 46 -3.38 -10.48 -4.68
N PRO A 47 -4.56 -10.57 -5.28
CA PRO A 47 -4.61 -10.83 -6.72
C PRO A 47 -3.89 -9.75 -7.51
N ILE A 48 -3.09 -10.20 -8.49
CA ILE A 48 -2.29 -9.34 -9.35
C ILE A 48 -2.45 -9.83 -10.77
N ALA A 49 -2.70 -8.90 -11.68
CA ALA A 49 -2.54 -9.14 -13.11
C ALA A 49 -1.33 -8.36 -13.57
N PHE A 50 -0.44 -9.03 -14.29
CA PHE A 50 0.71 -8.38 -14.89
C PHE A 50 0.92 -8.99 -16.27
N ALA A 51 1.09 -8.12 -17.27
CA ALA A 51 1.26 -8.55 -18.65
C ALA A 51 0.07 -9.42 -19.10
N GLY A 52 -1.13 -9.09 -18.61
CA GLY A 52 -2.33 -9.80 -19.02
C GLY A 52 -2.53 -11.16 -18.41
N THR A 53 -1.72 -11.58 -17.45
CA THR A 53 -1.91 -12.88 -16.80
C THR A 53 -1.85 -12.74 -15.30
N GLU A 54 -2.41 -13.73 -14.62
CA GLU A 54 -2.35 -13.82 -13.17
C GLU A 54 -1.34 -14.86 -12.70
N GLU A 55 -0.30 -15.14 -13.51
CA GLU A 55 0.80 -15.98 -13.07
C GLU A 55 1.47 -15.33 -11.85
N PRO A 56 2.25 -16.08 -11.07
CA PRO A 56 2.85 -15.51 -9.86
C PRO A 56 3.62 -14.23 -10.18
N ALA A 57 3.40 -13.21 -9.36
CA ALA A 57 3.99 -11.88 -9.57
C ALA A 57 4.15 -11.20 -8.21
N ALA A 58 4.97 -10.17 -8.18
CA ALA A 58 5.10 -9.39 -6.95
C ALA A 58 5.42 -7.94 -7.30
N TYR A 59 5.08 -7.06 -6.36
CA TYR A 59 5.34 -5.62 -6.43
C TYR A 59 5.91 -5.21 -5.09
N GLY A 60 6.92 -4.34 -5.12
CA GLY A 60 7.51 -3.84 -3.89
C GLY A 60 7.77 -2.35 -3.98
N GLU A 61 7.60 -1.67 -2.85
CA GLU A 61 8.00 -0.27 -2.69
C GLU A 61 9.08 -0.21 -1.63
N LEU A 62 10.27 0.24 -2.03
CA LEU A 62 11.40 0.37 -1.12
C LEU A 62 11.64 1.86 -0.92
N ILE A 63 11.46 2.31 0.32
CA ILE A 63 11.54 3.74 0.64
C ILE A 63 12.63 3.92 1.68
N SER A 64 13.52 4.89 1.43
CA SER A 64 14.61 5.17 2.34
C SER A 64 14.84 6.67 2.37
N ILE A 65 15.21 7.17 3.55
CA ILE A 65 15.63 8.55 3.71
C ILE A 65 17.13 8.56 3.40
N GLY A 66 17.47 8.94 2.17
CA GLY A 66 18.83 8.85 1.70
C GLY A 66 19.32 7.41 1.54
N GLY A 67 20.56 7.29 1.05
CA GLY A 67 21.23 6.01 0.96
C GLY A 67 20.93 5.21 -0.30
N LEU A 68 20.17 5.76 -1.23
CA LEU A 68 19.82 5.09 -2.48
C LEU A 68 20.59 5.74 -3.63
N GLY A 69 20.55 5.08 -4.78
CA GLY A 69 21.27 5.56 -5.94
C GLY A 69 21.70 4.44 -6.85
N PRO A 70 22.38 4.77 -7.95
CA PRO A 70 22.77 3.73 -8.90
C PRO A 70 23.67 2.65 -8.31
N GLY A 71 24.50 2.98 -7.32
CA GLY A 71 25.38 1.99 -6.74
C GLY A 71 24.75 1.08 -5.72
N VAL A 72 23.51 1.39 -5.33
CA VAL A 72 22.79 0.64 -4.30
C VAL A 72 21.53 -0.04 -4.88
N ASN A 73 20.78 0.68 -5.72
CA ASN A 73 19.47 0.17 -6.16
C ASN A 73 19.60 -1.11 -6.98
N GLY A 74 20.65 -1.22 -7.80
CA GLY A 74 20.81 -2.43 -8.58
C GLY A 74 21.06 -3.64 -7.72
N LYS A 75 21.83 -3.46 -6.64
CA LYS A 75 22.12 -4.56 -5.72
C LYS A 75 20.89 -4.94 -4.92
N LEU A 76 20.15 -3.95 -4.41
CA LEU A 76 18.92 -4.23 -3.69
C LEU A 76 17.93 -4.98 -4.58
N SER A 77 17.75 -4.52 -5.82
CA SER A 77 16.82 -5.16 -6.73
C SER A 77 17.21 -6.61 -6.98
N GLU A 78 18.49 -6.86 -7.30
CA GLU A 78 18.92 -8.22 -7.56
C GLU A 78 18.75 -9.10 -6.34
N THR A 79 19.08 -8.57 -5.16
CA THR A 79 19.06 -9.38 -3.95
C THR A 79 17.62 -9.72 -3.54
N ILE A 80 16.74 -8.72 -3.55
CA ILE A 80 15.36 -8.99 -3.16
C ILE A 80 14.69 -9.89 -4.19
N SER A 81 14.97 -9.66 -5.49
CA SER A 81 14.41 -10.53 -6.51
C SER A 81 14.82 -11.97 -6.29
N GLU A 82 16.08 -12.20 -5.92
CA GLU A 82 16.52 -13.57 -5.74
C GLU A 82 15.84 -14.22 -4.55
N ILE A 83 15.60 -13.46 -3.47
CA ILE A 83 14.83 -13.98 -2.35
C ILE A 83 13.47 -14.48 -2.82
N LEU A 84 12.77 -13.68 -3.63
CA LEU A 84 11.43 -14.10 -4.06
C LEU A 84 11.49 -15.22 -5.08
N GLN A 85 12.58 -15.30 -5.86
CA GLN A 85 12.72 -16.41 -6.80
C GLN A 85 12.91 -17.72 -6.03
N ILE A 86 13.77 -17.72 -5.02
CA ILE A 86 14.06 -18.95 -4.31
C ILE A 86 12.89 -19.34 -3.40
N LYS A 87 12.32 -18.37 -2.68
CA LYS A 87 11.30 -18.69 -1.69
C LYS A 87 9.92 -18.86 -2.30
N LEU A 88 9.60 -18.14 -3.40
CA LEU A 88 8.24 -18.15 -3.94
C LEU A 88 8.17 -18.57 -5.41
N SER A 89 9.31 -18.84 -6.05
CA SER A 89 9.35 -19.22 -7.47
C SER A 89 8.76 -18.14 -8.36
N ILE A 90 8.96 -16.87 -7.99
CA ILE A 90 8.51 -15.77 -8.82
C ILE A 90 9.66 -15.36 -9.73
N ASP A 91 9.40 -15.40 -11.04
CA ASP A 91 10.44 -15.00 -11.99
C ASP A 91 10.73 -13.51 -11.86
N SER A 92 12.00 -13.15 -12.03
CA SER A 92 12.40 -11.76 -11.90
C SER A 92 11.67 -10.85 -12.90
N SER A 93 11.24 -11.41 -14.04
CA SER A 93 10.48 -10.61 -15.00
C SER A 93 9.07 -10.31 -14.53
N ARG A 94 8.62 -10.91 -13.42
CA ARG A 94 7.28 -10.62 -12.91
C ARG A 94 7.34 -10.00 -11.52
N PHE A 95 8.47 -9.38 -11.18
CA PHE A 95 8.65 -8.66 -9.94
C PHE A 95 9.11 -7.26 -10.27
N TYR A 96 8.32 -6.27 -9.88
CA TYR A 96 8.68 -4.87 -10.05
C TYR A 96 8.91 -4.26 -8.67
N ILE A 97 10.08 -3.66 -8.48
CA ILE A 97 10.39 -2.93 -7.26
C ILE A 97 10.61 -1.45 -7.59
N LYS A 98 9.86 -0.60 -6.92
CA LYS A 98 9.95 0.84 -7.05
C LYS A 98 10.78 1.39 -5.90
N PHE A 99 11.88 2.07 -6.22
CA PHE A 99 12.70 2.72 -5.19
C PHE A 99 12.31 4.18 -5.07
N TYR A 100 12.29 4.67 -3.84
CA TYR A 100 11.97 6.09 -3.60
C TYR A 100 12.88 6.61 -2.51
N ASP A 101 13.64 7.65 -2.82
CA ASP A 101 14.48 8.34 -1.84
C ASP A 101 13.65 9.46 -1.23
N SER A 102 13.25 9.27 0.02
CA SER A 102 12.29 10.16 0.67
C SER A 102 13.01 11.33 1.34
N PRO A 103 12.44 12.54 1.25
CA PRO A 103 12.96 13.77 1.86
C PRO A 103 13.12 13.64 3.37
N PRO B 1 -7.29 14.04 3.27
CA PRO B 1 -6.11 13.19 3.35
C PRO B 1 -6.45 11.72 3.46
N THR B 2 -5.46 10.88 3.20
CA THR B 2 -5.61 9.43 3.30
C THR B 2 -4.59 8.88 4.29
N LEU B 3 -5.05 8.01 5.18
CA LEU B 3 -4.18 7.28 6.09
C LEU B 3 -4.34 5.80 5.76
N ASN B 4 -3.27 5.19 5.23
CA ASN B 4 -3.29 3.77 4.86
C ASN B 4 -2.45 3.03 5.90
N LEU B 5 -3.11 2.21 6.71
CA LEU B 5 -2.48 1.52 7.82
C LEU B 5 -2.30 0.04 7.48
N PHE B 6 -1.18 -0.52 7.95
CA PHE B 6 -0.90 -1.93 7.84
C PHE B 6 -0.48 -2.44 9.21
N THR B 7 -1.04 -3.58 9.64
CA THR B 7 -0.58 -4.16 10.91
C THR B 7 -0.53 -5.66 10.79
N ASN B 8 0.35 -6.28 11.60
CA ASN B 8 0.54 -7.73 11.54
C ASN B 8 -0.34 -8.49 12.51
N ILE B 9 -1.19 -7.81 13.28
CA ILE B 9 -2.09 -8.60 14.10
C ILE B 9 -3.47 -8.69 13.45
N PRO B 10 -4.24 -9.73 13.75
CA PRO B 10 -5.62 -9.78 13.27
C PRO B 10 -6.45 -8.78 14.04
N VAL B 11 -7.38 -8.14 13.34
CA VAL B 11 -8.25 -7.13 13.93
C VAL B 11 -9.69 -7.46 13.59
N ASP B 12 -10.52 -7.62 14.62
CA ASP B 12 -11.93 -7.93 14.41
C ASP B 12 -12.67 -6.69 13.90
N ALA B 13 -13.85 -6.94 13.32
CA ALA B 13 -14.57 -5.87 12.64
C ALA B 13 -14.98 -4.74 13.59
N VAL B 14 -15.35 -5.07 14.82
CA VAL B 14 -15.77 -4.03 15.76
C VAL B 14 -14.60 -3.13 16.14
N THR B 15 -13.47 -3.74 16.52
CA THR B 15 -12.26 -2.98 16.81
C THR B 15 -11.82 -2.19 15.58
N CYS B 16 -11.88 -2.81 14.41
CA CYS B 16 -11.53 -2.11 13.19
CA CYS B 16 -11.56 -2.13 13.15
C CYS B 16 -12.39 -0.86 13.00
N SER B 17 -13.72 -1.00 13.10
CA SER B 17 -14.60 0.15 12.96
C SER B 17 -14.27 1.24 13.98
N ASP B 18 -13.95 0.85 15.22
CA ASP B 18 -13.56 1.85 16.22
C ASP B 18 -12.32 2.61 15.76
N ILE B 19 -11.31 1.88 15.27
CA ILE B 19 -10.07 2.52 14.84
C ILE B 19 -10.33 3.46 13.68
N LEU B 20 -11.13 3.00 12.71
CA LEU B 20 -11.44 3.83 11.55
C LEU B 20 -12.14 5.12 11.97
N LYS B 21 -13.08 5.00 12.92
CA LYS B 21 -13.85 6.17 13.35
C LYS B 21 -12.98 7.15 14.14
N ASP B 22 -12.20 6.63 15.09
CA ASP B 22 -11.35 7.49 15.90
C ASP B 22 -10.25 8.13 15.06
N ALA B 23 -9.69 7.38 14.10
CA ALA B 23 -8.67 7.95 13.22
C ALA B 23 -9.27 9.04 12.33
N THR B 24 -10.50 8.84 11.85
CA THR B 24 -11.17 9.88 11.06
C THR B 24 -11.31 11.17 11.86
N LYS B 25 -11.81 11.07 13.09
CA LYS B 25 -11.99 12.26 13.92
C LYS B 25 -10.65 12.93 14.21
N ALA B 26 -9.60 12.14 14.46
CA ALA B 26 -8.32 12.71 14.85
C ALA B 26 -7.64 13.40 13.68
N VAL B 27 -7.65 12.76 12.51
CA VAL B 27 -7.05 13.35 11.33
C VAL B 27 -7.79 14.61 10.91
N ALA B 28 -9.13 14.57 10.93
CA ALA B 28 -9.92 15.74 10.57
C ALA B 28 -9.63 16.91 11.51
N LYS B 29 -9.49 16.64 12.81
CA LYS B 29 -9.29 17.74 13.76
C LYS B 29 -7.88 18.33 13.63
N ILE B 30 -6.87 17.48 13.49
CA ILE B 30 -5.49 17.95 13.49
C ILE B 30 -5.17 18.67 12.18
N ILE B 31 -5.68 18.17 11.06
CA ILE B 31 -5.40 18.78 9.76
C ILE B 31 -6.31 19.97 9.49
N GLY B 32 -7.49 20.03 10.12
CA GLY B 32 -8.40 21.14 9.92
C GLY B 32 -9.38 20.99 8.79
N LYS B 33 -9.28 19.93 7.98
CA LYS B 33 -10.19 19.71 6.87
C LYS B 33 -11.42 18.92 7.33
N PRO B 34 -12.55 19.08 6.65
CA PRO B 34 -13.75 18.33 7.01
C PRO B 34 -13.57 16.82 6.82
N GLU B 35 -14.41 16.06 7.53
CA GLU B 35 -14.35 14.60 7.46
C GLU B 35 -14.58 14.08 6.05
N SER B 36 -15.36 14.81 5.24
CA SER B 36 -15.58 14.42 3.86
C SER B 36 -14.29 14.22 3.08
N TYR B 37 -13.18 14.79 3.55
CA TYR B 37 -11.92 14.63 2.85
C TYR B 37 -11.07 13.48 3.39
N VAL B 38 -11.48 12.84 4.49
CA VAL B 38 -10.61 11.92 5.21
C VAL B 38 -10.96 10.49 4.84
N MET B 39 -9.94 9.72 4.43
CA MET B 39 -10.08 8.29 4.18
C MET B 39 -9.07 7.57 5.05
N ILE B 40 -9.53 6.54 5.78
CA ILE B 40 -8.68 5.66 6.56
C ILE B 40 -8.87 4.23 6.06
N LEU B 41 -7.75 3.52 5.88
CA LEU B 41 -7.77 2.10 5.54
C LEU B 41 -7.01 1.34 6.61
N LEU B 42 -7.49 0.12 6.92
CA LEU B 42 -6.77 -0.73 7.86
C LEU B 42 -6.55 -2.10 7.23
N ASN B 43 -5.33 -2.33 6.74
CA ASN B 43 -4.90 -3.64 6.25
C ASN B 43 -4.34 -4.44 7.44
N SER B 44 -5.11 -5.41 7.93
CA SER B 44 -4.63 -6.17 9.08
C SER B 44 -4.22 -7.57 8.65
N GLY B 45 -3.61 -8.30 9.58
CA GLY B 45 -3.15 -9.63 9.23
C GLY B 45 -2.04 -9.64 8.20
N VAL B 46 -1.28 -8.55 8.11
CA VAL B 46 -0.18 -8.40 7.16
C VAL B 46 1.12 -8.67 7.92
N PRO B 47 1.84 -9.76 7.63
CA PRO B 47 3.10 -10.00 8.32
C PRO B 47 4.07 -8.84 8.17
N ILE B 48 4.69 -8.47 9.30
CA ILE B 48 5.65 -7.37 9.38
C ILE B 48 6.82 -7.81 10.22
N ALA B 49 8.04 -7.50 9.76
CA ALA B 49 9.21 -7.51 10.62
C ALA B 49 9.68 -6.07 10.80
N PHE B 50 10.00 -5.71 12.04
CA PHE B 50 10.56 -4.40 12.35
C PHE B 50 11.63 -4.62 13.39
N ALA B 51 12.81 -4.05 13.16
CA ALA B 51 13.97 -4.28 14.00
C ALA B 51 14.28 -5.77 14.14
N GLY B 52 14.04 -6.52 13.07
CA GLY B 52 14.31 -7.94 13.04
C GLY B 52 13.33 -8.84 13.77
N THR B 53 12.23 -8.30 14.29
CA THR B 53 11.28 -9.13 15.04
C THR B 53 9.86 -8.93 14.52
N GLU B 54 9.01 -9.90 14.83
CA GLU B 54 7.63 -9.91 14.37
C GLU B 54 6.61 -9.70 15.49
N GLU B 55 7.02 -9.03 16.58
CA GLU B 55 6.04 -8.60 17.57
C GLU B 55 5.07 -7.61 16.94
N PRO B 56 3.91 -7.38 17.56
CA PRO B 56 2.94 -6.46 16.98
C PRO B 56 3.57 -5.13 16.56
N ALA B 57 3.22 -4.72 15.34
CA ALA B 57 3.81 -3.55 14.71
C ALA B 57 2.80 -2.96 13.74
N ALA B 58 3.04 -1.72 13.34
CA ALA B 58 2.18 -1.13 12.31
C ALA B 58 2.98 -0.16 11.46
N TYR B 59 2.54 -0.02 10.21
CA TYR B 59 3.06 0.93 9.25
C TYR B 59 1.90 1.82 8.79
N GLY B 60 2.12 3.11 8.74
CA GLY B 60 1.12 4.02 8.20
C GLY B 60 1.71 4.94 7.16
N GLU B 61 0.94 5.20 6.11
CA GLU B 61 1.26 6.24 5.14
C GLU B 61 0.17 7.31 5.22
N LEU B 62 0.57 8.54 5.53
CA LEU B 62 -0.35 9.66 5.63
C LEU B 62 -0.10 10.51 4.39
N ILE B 63 -1.08 10.54 3.50
CA ILE B 63 -0.97 11.27 2.25
C ILE B 63 -1.83 12.52 2.36
N SER B 64 -1.21 13.69 2.31
CA SER B 64 -1.92 14.95 2.31
C SER B 64 -1.57 15.70 1.03
N ILE B 65 -2.54 16.46 0.54
CA ILE B 65 -2.32 17.30 -0.63
C ILE B 65 -1.59 18.55 -0.16
N GLY B 66 -0.32 18.69 -0.53
CA GLY B 66 0.45 19.86 -0.19
C GLY B 66 1.17 19.86 1.14
N GLY B 67 1.03 18.80 1.94
CA GLY B 67 1.76 18.70 3.18
C GLY B 67 1.16 19.54 4.29
N LEU B 68 1.72 19.35 5.48
CA LEU B 68 1.19 19.94 6.69
C LEU B 68 2.20 20.91 7.28
N GLY B 69 1.68 21.84 8.08
CA GLY B 69 2.48 22.90 8.65
C GLY B 69 3.41 22.39 9.72
N PRO B 70 4.33 23.25 10.18
CA PRO B 70 5.34 22.81 11.14
C PRO B 70 4.72 22.23 12.40
N GLY B 71 5.26 21.08 12.83
CA GLY B 71 4.78 20.39 14.00
C GLY B 71 3.58 19.50 13.79
N VAL B 72 2.83 19.68 12.70
CA VAL B 72 1.57 18.95 12.52
C VAL B 72 1.84 17.48 12.25
N ASN B 73 2.89 17.16 11.50
CA ASN B 73 3.24 15.75 11.28
C ASN B 73 3.47 15.02 12.61
N GLY B 74 4.26 15.62 13.50
CA GLY B 74 4.52 14.99 14.78
C GLY B 74 3.27 14.82 15.62
N LYS B 75 2.39 15.82 15.60
CA LYS B 75 1.12 15.69 16.32
C LYS B 75 0.28 14.56 15.74
N LEU B 76 0.21 14.46 14.41
CA LEU B 76 -0.51 13.35 13.79
C LEU B 76 0.09 12.02 14.18
N SER B 77 1.41 11.90 14.10
CA SER B 77 2.09 10.65 14.44
C SER B 77 1.76 10.22 15.86
N GLU B 78 1.88 11.16 16.81
CA GLU B 78 1.61 10.83 18.21
C GLU B 78 0.17 10.40 18.40
N THR B 79 -0.77 11.08 17.73
CA THR B 79 -2.17 10.79 17.92
C THR B 79 -2.54 9.43 17.33
N ILE B 80 -2.02 9.10 16.14
CA ILE B 80 -2.31 7.80 15.55
C ILE B 80 -1.67 6.69 16.37
N SER B 81 -0.45 6.92 16.86
CA SER B 81 0.19 5.88 17.66
C SER B 81 -0.61 5.59 18.92
N GLU B 82 -1.20 6.62 19.52
CA GLU B 82 -2.03 6.36 20.70
C GLU B 82 -3.25 5.53 20.35
N ILE B 83 -3.88 5.77 19.20
CA ILE B 83 -5.01 4.96 18.77
C ILE B 83 -4.59 3.50 18.67
N LEU B 84 -3.44 3.24 18.05
CA LEU B 84 -2.98 1.86 17.88
C LEU B 84 -2.56 1.25 19.21
N GLN B 85 -2.05 2.07 20.12
CA GLN B 85 -1.73 1.58 21.46
C GLN B 85 -2.99 1.17 22.20
N ILE B 86 -3.99 2.06 22.23
CA ILE B 86 -5.20 1.79 23.00
C ILE B 86 -5.97 0.62 22.41
N LYS B 87 -6.06 0.56 21.08
CA LYS B 87 -6.98 -0.39 20.45
C LYS B 87 -6.32 -1.70 20.11
N LEU B 88 -5.01 -1.72 19.90
CA LEU B 88 -4.29 -2.93 19.48
C LEU B 88 -3.10 -3.30 20.36
N SER B 89 -2.75 -2.49 21.36
CA SER B 89 -1.60 -2.73 22.24
C SER B 89 -0.29 -2.79 21.46
N ILE B 90 -0.19 -2.02 20.39
CA ILE B 90 1.06 -1.88 19.67
C ILE B 90 1.86 -0.76 20.31
N ASP B 91 3.06 -1.07 20.78
CA ASP B 91 3.88 -0.03 21.39
C ASP B 91 4.25 1.01 20.35
N SER B 92 4.32 2.28 20.79
CA SER B 92 4.63 3.35 19.85
C SER B 92 6.00 3.18 19.20
N SER B 93 6.93 2.49 19.85
CA SER B 93 8.23 2.21 19.26
C SER B 93 8.12 1.31 18.02
N ARG B 94 6.99 0.63 17.84
CA ARG B 94 6.83 -0.28 16.71
C ARG B 94 5.78 0.21 15.73
N PHE B 95 5.47 1.50 15.77
CA PHE B 95 4.66 2.18 14.77
C PHE B 95 5.58 3.08 13.95
N TYR B 96 5.55 2.88 12.63
CA TYR B 96 6.39 3.56 11.65
C TYR B 96 5.43 4.30 10.72
N ILE B 97 5.56 5.61 10.62
CA ILE B 97 4.67 6.41 9.77
C ILE B 97 5.50 7.17 8.75
N LYS B 98 5.01 7.21 7.52
CA LYS B 98 5.63 8.00 6.47
C LYS B 98 4.60 9.00 5.95
N PHE B 99 5.03 10.24 5.81
CA PHE B 99 4.18 11.32 5.32
C PHE B 99 4.50 11.61 3.86
N TYR B 100 3.46 11.73 3.04
CA TYR B 100 3.57 12.10 1.63
C TYR B 100 2.94 13.46 1.44
N ASP B 101 3.70 14.41 0.91
CA ASP B 101 3.17 15.74 0.61
C ASP B 101 2.90 15.79 -0.90
N SER B 102 1.66 15.53 -1.28
CA SER B 102 1.33 15.42 -2.70
C SER B 102 1.30 16.80 -3.33
N PRO B 103 2.06 17.03 -4.40
CA PRO B 103 2.03 18.34 -5.07
C PRO B 103 0.84 18.54 -6.00
N ARG B 104 -0.04 17.56 -6.12
CA ARG B 104 -1.19 17.64 -7.01
C ARG B 104 -2.38 16.98 -6.34
N PRO B 105 -3.61 17.35 -6.73
CA PRO B 105 -4.78 16.84 -6.01
C PRO B 105 -5.02 15.35 -6.26
N PHE B 106 -5.81 14.75 -5.37
CA PHE B 106 -6.40 13.44 -5.65
C PHE B 106 -7.36 13.55 -6.83
N PHE B 107 -7.64 12.42 -7.43
CA PHE B 107 -8.76 12.28 -8.36
C PHE B 107 -9.86 11.55 -7.60
N GLY B 108 -10.94 12.25 -7.30
CA GLY B 108 -12.02 11.69 -6.51
C GLY B 108 -13.30 11.62 -7.31
N TYR B 109 -14.12 10.61 -7.03
CA TYR B 109 -15.39 10.40 -7.72
C TYR B 109 -16.45 9.88 -6.77
N PRO C 1 3.06 0.98 -16.03
CA PRO C 1 2.55 1.51 -14.76
C PRO C 1 1.91 0.45 -13.88
N THR C 2 1.86 0.76 -12.60
CA THR C 2 1.26 -0.11 -11.60
C THR C 2 0.09 0.62 -10.96
N LEU C 3 -1.05 -0.06 -10.85
CA LEU C 3 -2.23 0.48 -10.17
C LEU C 3 -2.51 -0.43 -8.99
N ASN C 4 -2.31 0.10 -7.77
CA ASN C 4 -2.50 -0.68 -6.55
C ASN C 4 -3.84 -0.27 -5.94
N LEU C 5 -4.83 -1.16 -6.03
CA LEU C 5 -6.21 -0.87 -5.63
C LEU C 5 -6.52 -1.47 -4.27
N PHE C 6 -7.30 -0.74 -3.47
CA PHE C 6 -7.79 -1.21 -2.17
C PHE C 6 -9.30 -0.98 -2.13
N THR C 7 -10.06 -1.97 -1.64
CA THR C 7 -11.50 -1.78 -1.47
C THR C 7 -11.98 -2.51 -0.21
N ASN C 8 -13.03 -1.98 0.41
CA ASN C 8 -13.64 -2.67 1.54
C ASN C 8 -14.68 -3.71 1.13
N ILE C 9 -14.98 -3.81 -0.16
CA ILE C 9 -15.83 -4.91 -0.64
C ILE C 9 -15.03 -6.21 -0.65
N PRO C 10 -15.55 -7.31 -0.10
CA PRO C 10 -14.90 -8.61 -0.33
C PRO C 10 -15.25 -9.11 -1.73
N VAL C 11 -14.24 -9.31 -2.55
CA VAL C 11 -14.43 -9.54 -3.98
C VAL C 11 -14.18 -11.01 -4.30
N ASP C 12 -15.11 -11.63 -5.03
CA ASP C 12 -14.94 -13.03 -5.41
C ASP C 12 -13.93 -13.17 -6.54
N ALA C 13 -13.47 -14.41 -6.76
CA ALA C 13 -12.34 -14.64 -7.65
C ALA C 13 -12.65 -14.24 -9.09
N VAL C 14 -13.85 -14.57 -9.58
CA VAL C 14 -14.18 -14.28 -10.98
C VAL C 14 -14.32 -12.77 -11.19
N THR C 15 -15.06 -12.11 -10.29
CA THR C 15 -15.16 -10.65 -10.36
C THR C 15 -13.78 -10.01 -10.23
N CYS C 16 -12.93 -10.56 -9.38
CA CYS C 16 -11.56 -10.04 -9.27
CA CYS C 16 -11.54 -10.07 -9.26
C CYS C 16 -10.82 -10.16 -10.60
N SER C 17 -10.86 -11.35 -11.21
CA SER C 17 -10.19 -11.54 -12.49
C SER C 17 -10.77 -10.64 -13.56
N ASP C 18 -12.10 -10.47 -13.58
CA ASP C 18 -12.73 -9.56 -14.53
C ASP C 18 -12.26 -8.13 -14.33
N ILE C 19 -12.21 -7.67 -13.08
CA ILE C 19 -11.76 -6.31 -12.80
C ILE C 19 -10.31 -6.15 -13.23
N LEU C 20 -9.47 -7.13 -12.90
CA LEU C 20 -8.06 -7.03 -13.26
C LEU C 20 -7.89 -6.95 -14.77
N LYS C 21 -8.67 -7.76 -15.52
CA LYS C 21 -8.61 -7.76 -16.97
C LYS C 21 -9.15 -6.45 -17.54
N ASP C 22 -10.32 -6.03 -17.08
CA ASP C 22 -10.89 -4.75 -17.50
C ASP C 22 -9.95 -3.60 -17.22
N ALA C 23 -9.37 -3.55 -16.02
CA ALA C 23 -8.46 -2.48 -15.69
C ALA C 23 -7.20 -2.56 -16.55
N THR C 24 -6.70 -3.77 -16.80
CA THR C 24 -5.52 -3.91 -17.66
C THR C 24 -5.78 -3.32 -19.03
N LYS C 25 -6.90 -3.71 -19.64
CA LYS C 25 -7.27 -3.20 -20.96
C LYS C 25 -7.42 -1.68 -20.95
N ALA C 26 -8.11 -1.14 -19.93
CA ALA C 26 -8.35 0.29 -19.89
C ALA C 26 -7.05 1.07 -19.71
N VAL C 27 -6.18 0.63 -18.80
CA VAL C 27 -4.91 1.31 -18.60
C VAL C 27 -4.09 1.26 -19.89
N ALA C 28 -4.02 0.08 -20.51
CA ALA C 28 -3.22 -0.08 -21.72
C ALA C 28 -3.71 0.83 -22.83
N LYS C 29 -5.04 0.90 -23.04
CA LYS C 29 -5.58 1.77 -24.07
C LYS C 29 -5.31 3.24 -23.76
N ILE C 30 -5.58 3.66 -22.52
CA ILE C 30 -5.50 5.07 -22.20
C ILE C 30 -4.06 5.56 -22.24
N ILE C 31 -3.11 4.73 -21.80
CA ILE C 31 -1.70 5.12 -21.86
C ILE C 31 -1.05 4.81 -23.20
N GLY C 32 -1.65 3.95 -24.02
CA GLY C 32 -1.10 3.66 -25.33
C GLY C 32 0.07 2.69 -25.34
N LYS C 33 0.13 1.77 -24.39
CA LYS C 33 1.21 0.82 -24.26
C LYS C 33 0.67 -0.60 -24.20
N PRO C 34 1.47 -1.60 -24.57
CA PRO C 34 1.01 -2.98 -24.49
C PRO C 34 0.74 -3.38 -23.04
N GLU C 35 -0.11 -4.41 -22.90
CA GLU C 35 -0.46 -4.93 -21.60
C GLU C 35 0.76 -5.44 -20.82
N SER C 36 1.84 -5.80 -21.52
CA SER C 36 3.03 -6.27 -20.82
C SER C 36 3.64 -5.20 -19.94
N TYR C 37 3.17 -3.95 -20.04
CA TYR C 37 3.65 -2.85 -19.24
C TYR C 37 2.74 -2.52 -18.06
N VAL C 38 1.67 -3.29 -17.84
CA VAL C 38 0.61 -2.91 -16.90
C VAL C 38 0.52 -3.94 -15.80
N MET C 39 0.63 -3.48 -14.55
CA MET C 39 0.38 -4.32 -13.39
C MET C 39 -0.78 -3.74 -12.60
N ILE C 40 -1.77 -4.58 -12.25
CA ILE C 40 -2.92 -4.19 -11.44
C ILE C 40 -2.95 -5.11 -10.23
N LEU C 41 -3.06 -4.51 -9.02
CA LEU C 41 -3.27 -5.29 -7.80
C LEU C 41 -4.63 -4.95 -7.22
N LEU C 42 -5.31 -5.94 -6.65
CA LEU C 42 -6.60 -5.71 -6.00
C LEU C 42 -6.60 -6.26 -4.57
N ASN C 43 -6.39 -5.34 -3.62
CA ASN C 43 -6.45 -5.64 -2.19
C ASN C 43 -7.90 -5.50 -1.76
N SER C 44 -8.63 -6.61 -1.56
CA SER C 44 -10.05 -6.48 -1.24
C SER C 44 -10.32 -6.90 0.21
N GLY C 45 -11.54 -6.61 0.64
CA GLY C 45 -11.90 -6.83 2.03
C GLY C 45 -11.06 -6.08 3.03
N VAL C 46 -10.58 -4.90 2.64
CA VAL C 46 -9.78 -4.01 3.49
C VAL C 46 -10.73 -2.96 4.05
N PRO C 47 -11.00 -2.95 5.36
CA PRO C 47 -11.94 -1.95 5.87
C PRO C 47 -11.47 -0.53 5.57
N ILE C 48 -12.42 0.29 5.13
CA ILE C 48 -12.17 1.68 4.74
C ILE C 48 -13.26 2.55 5.34
N ALA C 49 -12.87 3.65 5.95
CA ALA C 49 -13.79 4.73 6.29
C ALA C 49 -13.51 5.91 5.37
N PHE C 50 -14.55 6.43 4.75
CA PHE C 50 -14.42 7.56 3.83
C PHE C 50 -15.57 8.49 4.11
N ALA C 51 -15.24 9.77 4.35
CA ALA C 51 -16.24 10.79 4.70
C ALA C 51 -17.09 10.35 5.89
N GLY C 52 -16.45 9.66 6.83
CA GLY C 52 -17.12 9.28 8.06
C GLY C 52 -18.10 8.12 7.99
N THR C 53 -18.09 7.34 6.92
CA THR C 53 -18.88 6.11 6.87
C THR C 53 -18.04 4.99 6.28
N GLU C 54 -18.54 3.77 6.43
CA GLU C 54 -17.90 2.59 5.87
C GLU C 54 -18.69 2.04 4.69
N GLU C 55 -19.34 2.94 3.94
CA GLU C 55 -20.00 2.55 2.71
C GLU C 55 -18.98 2.06 1.70
N PRO C 56 -19.42 1.32 0.68
CA PRO C 56 -18.48 0.76 -0.30
C PRO C 56 -17.56 1.84 -0.88
N ALA C 57 -16.27 1.55 -0.89
CA ALA C 57 -15.29 2.55 -1.25
C ALA C 57 -14.08 1.89 -1.88
N ALA C 58 -13.34 2.65 -2.66
CA ALA C 58 -12.10 2.16 -3.26
C ALA C 58 -11.06 3.26 -3.22
N TYR C 59 -9.80 2.84 -3.09
CA TYR C 59 -8.64 3.72 -3.09
C TYR C 59 -7.64 3.13 -4.06
N GLY C 60 -7.06 3.95 -4.92
CA GLY C 60 -6.09 3.46 -5.89
C GLY C 60 -4.85 4.32 -5.93
N GLU C 61 -3.70 3.67 -5.98
CA GLU C 61 -2.43 4.38 -6.12
C GLU C 61 -1.84 4.06 -7.49
N LEU C 62 -1.49 5.10 -8.25
CA LEU C 62 -0.92 4.96 -9.58
C LEU C 62 0.59 5.21 -9.50
N ILE C 63 1.37 4.23 -9.91
CA ILE C 63 2.83 4.29 -9.79
C ILE C 63 3.44 4.14 -11.18
N SER C 64 4.47 4.95 -11.46
CA SER C 64 5.24 4.88 -12.70
C SER C 64 4.34 5.12 -13.90
N ILE C 65 3.53 6.17 -13.81
CA ILE C 65 2.74 6.63 -14.94
C ILE C 65 3.56 7.67 -15.71
N GLY C 69 1.66 10.65 -20.77
CA GLY C 69 0.78 11.59 -21.47
C GLY C 69 -0.02 12.45 -20.49
N PRO C 70 -0.21 13.76 -20.76
CA PRO C 70 -1.02 14.63 -19.89
C PRO C 70 -2.51 14.29 -20.03
N GLY C 71 -3.29 14.53 -18.98
CA GLY C 71 -4.75 14.28 -19.03
C GLY C 71 -5.06 12.80 -18.86
N VAL C 72 -4.07 11.94 -19.14
CA VAL C 72 -4.26 10.47 -19.01
C VAL C 72 -4.69 10.15 -17.58
N ASN C 73 -4.07 10.79 -16.60
CA ASN C 73 -4.36 10.43 -15.21
C ASN C 73 -5.83 10.65 -14.85
N GLY C 74 -6.43 11.72 -15.38
CA GLY C 74 -7.83 11.99 -15.09
C GLY C 74 -8.77 11.03 -15.81
N LYS C 75 -8.53 10.82 -17.11
CA LYS C 75 -9.32 9.83 -17.84
C LYS C 75 -9.10 8.44 -17.27
N LEU C 76 -7.87 8.12 -16.89
CA LEU C 76 -7.56 6.81 -16.33
C LEU C 76 -8.27 6.58 -15.01
N SER C 77 -8.09 7.51 -14.06
CA SER C 77 -8.73 7.37 -12.76
C SER C 77 -10.25 7.32 -12.89
N GLU C 78 -10.83 8.14 -13.76
CA GLU C 78 -12.27 8.11 -13.93
C GLU C 78 -12.74 6.79 -14.56
N THR C 79 -11.96 6.26 -15.51
CA THR C 79 -12.33 4.98 -16.10
C THR C 79 -12.27 3.84 -15.07
N ILE C 80 -11.19 3.79 -14.27
CA ILE C 80 -11.14 2.78 -13.22
C ILE C 80 -12.28 2.95 -12.24
N SER C 81 -12.60 4.20 -11.91
CA SER C 81 -13.72 4.47 -11.03
C SER C 81 -15.01 3.91 -11.60
N GLU C 82 -15.22 4.10 -12.91
CA GLU C 82 -16.44 3.57 -13.54
C GLU C 82 -16.45 2.03 -13.53
N ILE C 83 -15.30 1.41 -13.80
CA ILE C 83 -15.22 -0.05 -13.75
C ILE C 83 -15.63 -0.56 -12.37
N LEU C 84 -15.12 0.07 -11.31
CA LEU C 84 -15.42 -0.38 -9.96
C LEU C 84 -16.88 -0.13 -9.61
N GLN C 85 -17.47 0.94 -10.13
CA GLN C 85 -18.89 1.16 -9.92
C GLN C 85 -19.71 0.07 -10.59
N ILE C 86 -19.37 -0.25 -11.85
CA ILE C 86 -20.11 -1.25 -12.60
C ILE C 86 -19.94 -2.64 -12.00
N LYS C 87 -18.72 -2.99 -11.59
CA LYS C 87 -18.45 -4.36 -11.16
C LYS C 87 -18.70 -4.59 -9.69
N LEU C 88 -18.57 -3.56 -8.85
CA LEU C 88 -18.69 -3.71 -7.40
C LEU C 88 -19.70 -2.78 -6.76
N SER C 89 -20.37 -1.92 -7.53
CA SER C 89 -21.32 -0.92 -7.01
C SER C 89 -20.65 -0.01 -5.99
N ILE C 90 -19.38 0.31 -6.22
CA ILE C 90 -18.68 1.28 -5.39
C ILE C 90 -18.99 2.66 -5.92
N ASP C 91 -19.58 3.51 -5.07
CA ASP C 91 -19.98 4.85 -5.43
C ASP C 91 -18.96 5.91 -5.02
N SER C 92 -17.94 5.55 -4.23
CA SER C 92 -16.95 6.50 -3.76
C SER C 92 -15.56 5.95 -4.00
N SER C 93 -14.68 6.76 -4.60
CA SER C 93 -13.33 6.28 -4.88
C SER C 93 -12.38 7.47 -4.87
N ARG C 94 -11.11 7.17 -4.59
CA ARG C 94 -10.06 8.17 -4.56
C ARG C 94 -8.81 7.58 -5.18
N PHE C 95 -8.14 8.35 -6.05
CA PHE C 95 -6.93 7.91 -6.73
C PHE C 95 -5.82 8.91 -6.51
N TYR C 96 -4.63 8.38 -6.26
CA TYR C 96 -3.46 9.17 -5.90
C TYR C 96 -2.28 8.80 -6.81
N ILE C 97 -1.68 9.80 -7.45
CA ILE C 97 -0.46 9.60 -8.23
C ILE C 97 0.72 9.60 -7.25
N LYS C 98 1.40 8.47 -7.14
CA LYS C 98 2.39 8.25 -6.10
C LYS C 98 3.80 8.35 -6.67
N PHE C 99 4.70 8.96 -5.90
CA PHE C 99 6.14 9.08 -6.19
C PHE C 99 6.45 10.00 -7.37
N TYR C 100 5.53 10.88 -7.75
CA TYR C 100 5.80 11.76 -8.89
C TYR C 100 5.96 13.20 -8.44
#